data_4BGC
#
_entry.id   4BGC
#
_cell.length_a   59.740
_cell.length_b   59.740
_cell.length_c   62.330
_cell.angle_alpha   90.00
_cell.angle_beta   90.00
_cell.angle_gamma   90.00
#
_symmetry.space_group_name_H-M   'I 4'
#
loop_
_entity.id
_entity.type
_entity.pdbx_description
1 polymer 'POTASSIUM VOLTAGE-GATED CHANNEL SUBFAMILY A MEMBER 3'
2 water water
#
_entity_poly.entity_id   1
_entity_poly.type   'polypeptide(L)'
_entity_poly.pdbx_seq_one_letter_code
;MERVVINISGLRFETQLKTL(CSO)QFPETLLGDPKRRMRYFDPLRNEYFFDRNRPSFDAILYYYQSGGRIRRPVNVPID
IFSEEIRFYQLGEEAMEKFREDEGFL
;
_entity_poly.pdbx_strand_id   A
#
# COMPACT_ATOMS: atom_id res chain seq x y z
N MET A 1 -3.86 9.85 17.03
CA MET A 1 -4.21 8.51 17.60
C MET A 1 -4.41 7.45 16.49
N GLU A 2 -5.66 7.11 16.23
CA GLU A 2 -6.05 6.13 15.26
C GLU A 2 -5.77 6.65 13.87
N ARG A 3 -5.91 7.93 13.62
CA ARG A 3 -5.75 8.44 12.24
C ARG A 3 -4.24 8.48 11.90
N VAL A 4 -3.87 8.07 10.72
CA VAL A 4 -2.51 8.07 10.18
C VAL A 4 -2.54 8.80 8.86
N VAL A 5 -1.51 9.59 8.66
CA VAL A 5 -1.30 10.36 7.41
CA VAL A 5 -1.34 10.33 7.40
C VAL A 5 -0.13 9.74 6.67
N ILE A 6 -0.38 9.41 5.41
CA ILE A 6 0.65 8.86 4.51
CA ILE A 6 0.61 8.85 4.48
C ILE A 6 0.75 9.83 3.34
N ASN A 7 1.92 10.40 3.19
CA ASN A 7 2.18 11.37 2.16
C ASN A 7 2.95 10.69 1.04
N ILE A 8 2.29 10.51 -0.09
CA ILE A 8 2.96 9.91 -1.27
C ILE A 8 3.29 11.03 -2.23
N SER A 9 4.58 11.42 -2.27
CA SER A 9 5.04 12.47 -3.19
C SER A 9 4.12 13.73 -3.16
N GLY A 10 3.78 14.18 -1.94
CA GLY A 10 2.98 15.36 -1.81
C GLY A 10 1.49 15.12 -1.66
N LEU A 11 0.97 13.97 -2.02
CA LEU A 11 -0.45 13.64 -1.94
C LEU A 11 -0.71 12.95 -0.62
N ARG A 12 -1.53 13.61 0.23
CA ARG A 12 -1.77 13.08 1.53
C ARG A 12 -2.94 12.16 1.55
N PHE A 13 -2.78 10.96 2.06
CA PHE A 13 -3.79 10.01 2.35
C PHE A 13 -4.00 9.91 3.87
N GLU A 14 -5.23 9.75 4.30
CA GLU A 14 -5.56 9.55 5.70
C GLU A 14 -6.30 8.27 5.80
N THR A 15 -5.90 7.42 6.73
CA THR A 15 -6.58 6.20 7.04
C THR A 15 -6.46 5.96 8.53
N GLN A 16 -7.02 4.88 8.94
CA GLN A 16 -7.01 4.48 10.34
C GLN A 16 -5.90 3.46 10.54
N LEU A 17 -5.32 3.50 11.72
CA LEU A 17 -4.42 2.51 12.10
C LEU A 17 -4.99 1.11 11.98
N LYS A 18 -6.23 0.95 12.43
CA LYS A 18 -6.89 -0.32 12.33
C LYS A 18 -6.93 -0.85 10.88
N THR A 19 -7.12 0.06 9.90
CA THR A 19 -7.08 -0.37 8.48
C THR A 19 -5.72 -0.97 8.11
N LEU A 20 -4.67 -0.32 8.56
CA LEU A 20 -3.30 -0.88 8.22
C LEU A 20 -3.00 -2.14 8.98
N GLN A 22 -5.13 -4.43 9.33
CA GLN A 22 -5.72 -5.61 8.55
C GLN A 22 -4.63 -6.60 8.06
N PHE A 23 -3.38 -6.09 7.92
CA PHE A 23 -2.21 -6.88 7.40
C PHE A 23 -0.92 -6.50 8.08
N PRO A 24 -0.72 -7.01 9.30
CA PRO A 24 0.40 -6.62 10.14
C PRO A 24 1.75 -6.99 9.59
N GLU A 25 1.77 -7.97 8.72
CA GLU A 25 3.01 -8.45 8.12
C GLU A 25 3.35 -7.79 6.76
N THR A 26 3.21 -6.50 6.74
CA THR A 26 3.48 -5.68 5.59
C THR A 26 4.27 -4.44 6.01
N LEU A 27 4.73 -3.62 5.11
CA LEU A 27 5.54 -2.47 5.45
CA LEU A 27 5.52 -2.45 5.45
C LEU A 27 4.64 -1.53 6.31
N LEU A 28 3.45 -1.19 5.83
CA LEU A 28 2.60 -0.20 6.51
C LEU A 28 1.99 -0.81 7.76
N GLY A 29 1.82 -2.11 7.79
CA GLY A 29 1.22 -2.76 8.91
C GLY A 29 2.07 -3.06 10.11
N ASP A 30 3.37 -2.98 9.94
CA ASP A 30 4.34 -3.25 10.98
C ASP A 30 5.02 -1.99 11.50
N PRO A 31 4.83 -1.62 12.79
CA PRO A 31 5.38 -0.38 13.28
C PRO A 31 6.89 -0.29 13.07
N LYS A 32 7.57 -1.40 13.17
CA LYS A 32 9.00 -1.42 13.04
C LYS A 32 9.48 -1.15 11.61
N ARG A 33 8.67 -1.55 10.64
CA ARG A 33 9.03 -1.32 9.23
C ARG A 33 8.67 0.07 8.75
N ARG A 34 7.47 0.52 9.12
CA ARG A 34 7.05 1.84 8.64
C ARG A 34 7.87 2.97 9.27
N MET A 35 8.45 2.72 10.46
CA MET A 35 9.31 3.71 11.14
C MET A 35 10.32 4.39 10.23
N ARG A 36 10.91 3.61 9.32
CA ARG A 36 11.89 4.06 8.40
CA ARG A 36 11.87 3.99 8.24
C ARG A 36 11.37 5.28 7.60
N TYR A 37 10.06 5.40 7.40
CA TYR A 37 9.45 6.43 6.54
C TYR A 37 8.77 7.49 7.40
N PHE A 38 8.86 7.47 8.71
CA PHE A 38 8.15 8.44 9.52
C PHE A 38 8.85 9.76 9.60
N ASP A 39 8.11 10.84 9.45
CA ASP A 39 8.60 12.27 9.50
C ASP A 39 8.08 12.87 10.80
N PRO A 40 8.93 12.94 11.85
CA PRO A 40 8.45 13.54 13.13
C PRO A 40 8.09 15.00 13.06
N LEU A 41 8.60 15.72 12.06
CA LEU A 41 8.33 17.18 11.93
C LEU A 41 6.95 17.42 11.47
N ARG A 42 6.43 16.55 10.65
CA ARG A 42 5.06 16.68 10.14
C ARG A 42 4.09 15.61 10.66
N ASN A 43 4.53 14.66 11.49
CA ASN A 43 3.65 13.62 12.00
C ASN A 43 2.95 12.89 10.86
N GLU A 44 3.79 12.39 9.92
CA GLU A 44 3.26 11.64 8.78
C GLU A 44 4.31 10.70 8.27
N TYR A 45 3.92 9.75 7.46
CA TYR A 45 4.85 8.93 6.70
C TYR A 45 5.07 9.47 5.36
N PHE A 46 6.27 9.48 4.81
CA PHE A 46 6.52 10.01 3.47
C PHE A 46 7.18 8.95 2.59
N PHE A 47 6.64 8.80 1.38
CA PHE A 47 7.13 7.94 0.34
C PHE A 47 7.23 8.74 -0.97
N ASP A 48 8.46 8.74 -1.54
CA ASP A 48 8.78 9.44 -2.81
C ASP A 48 8.45 8.44 -3.88
N ARG A 49 7.18 8.15 -4.09
CA ARG A 49 6.73 7.05 -4.94
C ARG A 49 5.50 7.44 -5.76
N ASN A 50 5.07 6.48 -6.59
CA ASN A 50 3.98 6.76 -7.50
C ASN A 50 2.64 6.99 -6.82
N ARG A 51 2.04 8.13 -7.11
CA ARG A 51 0.79 8.49 -6.48
C ARG A 51 -0.42 7.71 -7.00
N PRO A 52 -0.65 7.53 -8.28
CA PRO A 52 -1.89 6.78 -8.69
C PRO A 52 -1.95 5.34 -8.14
N SER A 53 -0.79 4.71 -8.02
CA SER A 53 -0.80 3.36 -7.49
C SER A 53 -1.33 3.26 -6.06
N PHE A 54 -1.14 4.30 -5.28
CA PHE A 54 -1.38 4.19 -3.90
C PHE A 54 -2.86 4.05 -3.58
N ASP A 55 -3.78 4.57 -4.39
CA ASP A 55 -5.14 4.26 -4.15
C ASP A 55 -5.41 2.75 -4.09
N ALA A 56 -4.80 2.02 -4.96
CA ALA A 56 -5.01 0.58 -5.07
C ALA A 56 -4.32 -0.15 -3.90
N ILE A 57 -3.12 0.32 -3.50
CA ILE A 57 -2.47 -0.26 -2.33
C ILE A 57 -3.35 -0.04 -1.09
N LEU A 58 -3.84 1.17 -0.90
CA LEU A 58 -4.72 1.44 0.22
C LEU A 58 -6.03 0.62 0.15
N TYR A 59 -6.55 0.44 -1.05
CA TYR A 59 -7.79 -0.31 -1.14
CA TYR A 59 -7.76 -0.39 -1.29
C TYR A 59 -7.56 -1.78 -0.74
N TYR A 60 -6.37 -2.34 -0.96
CA TYR A 60 -6.10 -3.73 -0.45
C TYR A 60 -6.41 -3.80 1.04
N TYR A 61 -5.94 -2.80 1.82
CA TYR A 61 -6.24 -2.76 3.22
C TYR A 61 -7.69 -2.51 3.53
N GLN A 62 -8.23 -1.49 2.90
CA GLN A 62 -9.63 -1.07 3.21
C GLN A 62 -10.61 -2.19 2.91
N SER A 63 -10.38 -2.93 1.87
CA SER A 63 -11.28 -3.96 1.37
C SER A 63 -11.03 -5.29 2.08
N GLY A 64 -10.04 -5.36 2.99
CA GLY A 64 -9.71 -6.66 3.63
C GLY A 64 -9.01 -7.66 2.75
N GLY A 65 -8.32 -7.19 1.73
CA GLY A 65 -7.49 -7.95 0.95
C GLY A 65 -7.72 -8.10 -0.51
N ARG A 66 -8.46 -7.21 -1.15
CA ARG A 66 -8.66 -7.40 -2.56
CA ARG A 66 -8.74 -7.32 -2.58
C ARG A 66 -7.62 -6.59 -3.32
N ILE A 67 -7.10 -7.19 -4.40
CA ILE A 67 -6.19 -6.53 -5.33
C ILE A 67 -6.96 -6.18 -6.59
N ARG A 68 -7.07 -4.88 -6.90
CA ARG A 68 -7.71 -4.38 -8.09
C ARG A 68 -6.87 -3.24 -8.66
N ARG A 69 -6.08 -3.57 -9.67
CA ARG A 69 -5.35 -2.54 -10.41
C ARG A 69 -6.26 -1.64 -11.27
N PRO A 70 -6.24 -0.33 -11.05
CA PRO A 70 -6.95 0.57 -11.95
C PRO A 70 -6.29 0.63 -13.28
N VAL A 71 -7.10 0.80 -14.37
CA VAL A 71 -6.53 0.73 -15.70
C VAL A 71 -5.47 1.80 -15.88
N ASN A 72 -5.56 2.96 -15.17
CA ASN A 72 -4.57 3.98 -15.35
C ASN A 72 -3.28 3.78 -14.64
N VAL A 73 -3.10 2.66 -13.91
CA VAL A 73 -1.83 2.36 -13.33
C VAL A 73 -1.20 1.24 -14.13
N PRO A 74 -0.09 1.49 -14.81
CA PRO A 74 0.54 0.42 -15.63
C PRO A 74 0.84 -0.81 -14.81
N ILE A 75 0.74 -1.96 -15.46
CA ILE A 75 0.93 -3.29 -14.85
C ILE A 75 2.21 -3.39 -14.10
N ASP A 76 3.31 -2.96 -14.70
CA ASP A 76 4.64 -3.18 -14.08
C ASP A 76 4.94 -2.13 -13.06
N ILE A 77 4.24 -1.01 -13.10
CA ILE A 77 4.27 -0.07 -11.95
C ILE A 77 3.62 -0.70 -10.74
N PHE A 78 2.39 -1.22 -10.93
CA PHE A 78 1.64 -1.75 -9.81
C PHE A 78 2.36 -2.93 -9.18
N SER A 79 2.91 -3.80 -10.05
CA SER A 79 3.62 -5.01 -9.55
CA SER A 79 3.50 -5.02 -9.47
C SER A 79 4.74 -4.63 -8.62
N GLU A 80 5.51 -3.66 -9.02
CA GLU A 80 6.63 -3.17 -8.25
C GLU A 80 6.17 -2.55 -6.89
N GLU A 81 5.03 -1.84 -6.91
CA GLU A 81 4.49 -1.31 -5.71
C GLU A 81 4.04 -2.41 -4.72
N ILE A 82 3.42 -3.46 -5.25
CA ILE A 82 3.10 -4.59 -4.40
C ILE A 82 4.32 -5.08 -3.71
N ARG A 83 5.39 -5.25 -4.50
CA ARG A 83 6.67 -5.71 -3.95
C ARG A 83 7.19 -4.73 -2.87
N PHE A 84 7.27 -3.48 -3.19
CA PHE A 84 7.82 -2.50 -2.26
C PHE A 84 7.06 -2.42 -0.96
N TYR A 85 5.73 -2.42 -1.00
CA TYR A 85 4.91 -2.30 0.19
C TYR A 85 4.84 -3.63 0.95
N GLN A 86 5.53 -4.66 0.43
CA GLN A 86 5.68 -5.92 1.18
C GLN A 86 4.33 -6.54 1.42
N LEU A 87 3.42 -6.48 0.46
CA LEU A 87 2.10 -7.08 0.62
C LEU A 87 2.17 -8.61 0.65
N GLY A 88 3.12 -9.15 -0.04
CA GLY A 88 3.46 -10.61 0.07
C GLY A 88 2.97 -11.46 -1.06
N GLU A 89 3.29 -12.74 -0.96
CA GLU A 89 2.94 -13.68 -1.98
C GLU A 89 1.48 -13.86 -2.25
N GLU A 90 0.61 -13.92 -1.23
CA GLU A 90 -0.83 -14.03 -1.51
CA GLU A 90 -0.81 -14.01 -1.48
C GLU A 90 -1.35 -12.81 -2.25
N ALA A 91 -0.85 -11.60 -1.91
CA ALA A 91 -1.26 -10.43 -2.64
C ALA A 91 -0.83 -10.54 -4.12
N MET A 92 0.42 -11.00 -4.38
CA MET A 92 0.84 -11.16 -5.72
CA MET A 92 0.82 -11.20 -5.77
C MET A 92 -0.02 -12.20 -6.50
N GLU A 93 -0.43 -13.24 -5.84
CA GLU A 93 -1.29 -14.22 -6.48
C GLU A 93 -2.67 -13.60 -6.79
N LYS A 94 -3.18 -12.75 -5.90
CA LYS A 94 -4.40 -12.01 -6.20
C LYS A 94 -4.27 -11.12 -7.33
N PHE A 95 -3.11 -10.50 -7.47
CA PHE A 95 -2.89 -9.64 -8.60
C PHE A 95 -2.93 -10.46 -9.90
N ARG A 96 -2.21 -11.58 -9.96
CA ARG A 96 -2.24 -12.43 -11.16
CA ARG A 96 -2.23 -12.34 -11.21
C ARG A 96 -3.61 -12.82 -11.54
N GLU A 97 -4.41 -13.23 -10.57
CA GLU A 97 -5.74 -13.69 -10.79
C GLU A 97 -6.60 -12.58 -11.31
N ASP A 98 -6.52 -11.40 -10.71
CA ASP A 98 -7.30 -10.30 -11.12
C ASP A 98 -6.92 -9.80 -12.53
N GLU A 99 -5.66 -9.96 -12.91
CA GLU A 99 -5.16 -9.55 -14.23
C GLU A 99 -5.47 -10.60 -15.33
N GLY A 100 -6.03 -11.74 -14.96
CA GLY A 100 -6.23 -12.79 -15.98
C GLY A 100 -4.94 -13.54 -16.33
N PHE A 101 -3.90 -13.40 -15.54
CA PHE A 101 -2.64 -13.97 -15.86
C PHE A 101 -2.52 -15.48 -15.54
N LEU A 102 -3.53 -16.08 -14.94
CA LEU A 102 -3.50 -17.52 -14.72
C LEU A 102 -4.10 -18.21 -15.91
#